data_5GHK
#
_entry.id   5GHK
#
_cell.length_a   46.732
_cell.length_b   118.393
_cell.length_c   57.433
_cell.angle_alpha   90.000
_cell.angle_beta   112.780
_cell.angle_gamma   90.000
#
_symmetry.space_group_name_H-M   'P 1 21 1'
#
_entity_poly.entity_id   1
_entity_poly.type   'polypeptide(L)'
_entity_poly.pdbx_seq_one_letter_code
;EAYKSEIAHRYNDLGEEHFRGLVLVAFSQYLQQCPFEDHVKLAKEVTEFAKACAAEESGANCDKSLHTLFGDKLCTVASL
RDKYGDMADCCEKQEPDRNECFLAHKDDNPGFPPLVAPEPDALCAAFQDNEQLFLGKYLYEIARRHPYFYAPELLYYAQQ
YKGVFAECCQAADKAACLGPKIEALREKVLLSSAKERFKCASLQKFGDRAFKAWSVARLSQRFPKADFAEISKVVTDLTK
VHKECCHGDLLECADDRADLAKYMCENQDSISTKLKECCDKPVLEKSQCLAEVERDELPGDLPSLAADFVEDKEVCKNYQ
EAKDVFLGTFLYEYARRHPEYSVSLLLRLAKEYEATLEKCCATDDPPTCYAKVLDEFKPLVDEPQNLVKTNCELFEKLGE
YGFQNALLVRYTKKAPQVSTPTLVEVSRKLGKVGTKCCKKPESERMSCAEDFLSVVLNRLCVLHEKTPVSERVTKCCSES
LVNRRPCFSGLEVDETYVPKEFNAETFTFHADLCTLPEAEKQVKKQTALVELLKHKPKATDEQLKTVMGDFGAFVEKCCA
AENKEGCFSEEGPKLVAAAQAALV
;
_entity_poly.pdbx_strand_id   A
#
# COMPACT_ATOMS: atom_id res chain seq x y z
N TYR A 3 -3.58 -31.66 -11.24
CA TYR A 3 -4.69 -32.44 -10.70
C TYR A 3 -4.23 -33.45 -9.67
N LYS A 4 -3.47 -34.45 -10.12
CA LYS A 4 -3.08 -35.57 -9.27
C LYS A 4 -2.01 -35.17 -8.26
N SER A 5 -1.19 -34.20 -8.61
CA SER A 5 -0.20 -33.64 -7.71
C SER A 5 -0.09 -32.13 -7.93
N GLU A 6 -0.42 -31.36 -6.90
CA GLU A 6 -0.50 -29.91 -7.01
C GLU A 6 0.89 -29.25 -6.92
N ILE A 7 1.73 -29.75 -6.04
CA ILE A 7 3.10 -29.22 -5.93
C ILE A 7 3.83 -29.47 -7.25
N ALA A 8 3.58 -30.64 -7.83
CA ALA A 8 4.15 -30.99 -9.12
C ALA A 8 3.53 -30.14 -10.22
N HIS A 9 2.23 -29.90 -10.10
CA HIS A 9 1.52 -29.02 -11.03
C HIS A 9 2.19 -27.65 -11.06
N ARG A 10 2.35 -27.05 -9.89
CA ARG A 10 2.93 -25.71 -9.80
C ARG A 10 4.41 -25.72 -10.21
N TYR A 11 5.14 -26.76 -9.83
CA TYR A 11 6.53 -26.90 -10.29
C TYR A 11 6.58 -26.94 -11.81
N ASN A 12 5.67 -27.69 -12.42
CA ASN A 12 5.61 -27.82 -13.87
C ASN A 12 5.22 -26.51 -14.55
N ASP A 13 4.18 -25.86 -14.03
CA ASP A 13 3.69 -24.63 -14.63
C ASP A 13 4.65 -23.46 -14.47
N LEU A 14 5.10 -23.23 -13.24
CA LEU A 14 5.94 -22.06 -12.93
C LEU A 14 7.37 -22.23 -13.45
N GLY A 15 7.99 -23.36 -13.10
CA GLY A 15 9.40 -23.58 -13.36
C GLY A 15 10.15 -23.65 -12.05
N GLU A 16 11.30 -24.31 -12.05
CA GLU A 16 12.03 -24.58 -10.81
C GLU A 16 12.50 -23.30 -10.11
N GLU A 17 13.03 -22.35 -10.87
CA GLU A 17 13.62 -21.16 -10.28
C GLU A 17 12.56 -20.28 -9.61
N HIS A 18 11.55 -19.89 -10.37
CA HIS A 18 10.46 -19.06 -9.84
C HIS A 18 9.77 -19.76 -8.67
N PHE A 19 9.60 -21.08 -8.81
CA PHE A 19 9.06 -21.90 -7.73
C PHE A 19 9.91 -21.74 -6.47
N ARG A 20 11.19 -22.04 -6.58
CA ARG A 20 12.12 -21.97 -5.46
C ARG A 20 12.07 -20.59 -4.80
N GLY A 21 12.22 -19.57 -5.63
CA GLY A 21 12.12 -18.19 -5.16
C GLY A 21 10.85 -17.98 -4.37
N LEU A 22 9.72 -18.35 -4.98
CA LEU A 22 8.42 -18.18 -4.36
C LEU A 22 8.33 -18.89 -2.99
N VAL A 23 8.85 -20.10 -2.91
CA VAL A 23 8.87 -20.83 -1.64
C VAL A 23 9.73 -20.07 -0.61
N LEU A 24 10.92 -19.64 -1.04
CA LEU A 24 11.80 -18.85 -0.19
C LEU A 24 11.08 -17.63 0.35
N VAL A 25 10.39 -16.91 -0.53
CA VAL A 25 9.58 -15.77 -0.13
C VAL A 25 8.54 -16.21 0.90
N ALA A 26 7.80 -17.27 0.58
CA ALA A 26 6.77 -17.79 1.47
C ALA A 26 7.30 -17.96 2.89
N PHE A 27 8.37 -18.72 3.04
CA PHE A 27 8.96 -18.93 4.36
C PHE A 27 9.43 -17.62 4.98
N SER A 28 10.05 -16.77 4.16
CA SER A 28 10.52 -15.46 4.63
C SER A 28 9.38 -14.62 5.21
N GLN A 29 8.24 -14.60 4.52
CA GLN A 29 7.09 -13.82 4.96
C GLN A 29 6.44 -14.44 6.18
N TYR A 30 6.28 -15.77 6.16
CA TYR A 30 5.59 -16.46 7.25
C TYR A 30 6.38 -16.41 8.56
N LEU A 31 7.69 -16.63 8.49
CA LEU A 31 8.49 -16.70 9.71
C LEU A 31 9.26 -15.41 10.03
N GLN A 32 9.79 -14.74 9.01
CA GLN A 32 10.41 -13.42 9.16
C GLN A 32 11.63 -13.36 10.09
N GLN A 33 11.67 -14.20 11.12
CA GLN A 33 12.58 -14.01 12.25
C GLN A 33 13.82 -14.90 12.18
N CYS A 34 13.89 -15.73 11.15
CA CYS A 34 14.92 -16.77 11.08
C CYS A 34 16.06 -16.43 10.11
N PRO A 35 17.22 -17.09 10.28
CA PRO A 35 18.37 -16.90 9.38
C PRO A 35 18.06 -17.10 7.90
N PHE A 36 18.81 -16.41 7.06
CA PHE A 36 18.67 -16.53 5.60
C PHE A 36 18.97 -17.96 5.17
N GLU A 37 20.18 -18.42 5.48
CA GLU A 37 20.60 -19.78 5.15
C GLU A 37 19.58 -20.83 5.59
N ASP A 38 19.02 -20.65 6.78
CA ASP A 38 18.00 -21.56 7.30
C ASP A 38 16.80 -21.62 6.38
N HIS A 39 16.49 -20.50 5.73
CA HIS A 39 15.36 -20.44 4.81
C HIS A 39 15.74 -20.98 3.43
N VAL A 40 16.95 -20.67 2.97
CA VAL A 40 17.40 -21.20 1.69
C VAL A 40 17.49 -22.73 1.78
N LYS A 41 17.82 -23.23 2.97
CA LYS A 41 17.82 -24.67 3.23
C LYS A 41 16.47 -25.29 2.88
N LEU A 42 15.44 -24.85 3.59
CA LEU A 42 14.08 -25.34 3.35
C LEU A 42 13.69 -25.13 1.89
N ALA A 43 13.80 -23.88 1.43
CA ALA A 43 13.45 -23.54 0.05
C ALA A 43 14.16 -24.44 -0.95
N LYS A 44 15.39 -24.83 -0.62
CA LYS A 44 16.15 -25.76 -1.45
C LYS A 44 15.56 -27.17 -1.36
N GLU A 45 15.28 -27.62 -0.15
CA GLU A 45 14.82 -28.99 0.06
C GLU A 45 13.40 -29.25 -0.44
N VAL A 46 12.52 -28.27 -0.34
CA VAL A 46 11.14 -28.42 -0.79
C VAL A 46 11.08 -28.59 -2.31
N THR A 47 11.87 -27.77 -3.02
CA THR A 47 11.90 -27.78 -4.47
C THR A 47 12.40 -29.12 -5.00
N GLU A 48 13.23 -29.81 -4.24
CA GLU A 48 13.73 -31.12 -4.64
C GLU A 48 12.61 -32.16 -4.56
N PHE A 49 11.85 -32.12 -3.47
CA PHE A 49 10.66 -32.95 -3.31
C PHE A 49 9.70 -32.69 -4.47
N ALA A 50 9.41 -31.41 -4.71
CA ALA A 50 8.59 -31.00 -5.84
C ALA A 50 9.15 -31.54 -7.16
N LYS A 51 10.47 -31.39 -7.34
CA LYS A 51 11.13 -31.78 -8.58
C LYS A 51 11.04 -33.28 -8.79
N ALA A 52 11.21 -34.03 -7.71
CA ALA A 52 11.08 -35.49 -7.74
C ALA A 52 9.64 -35.85 -8.09
N CYS A 53 8.70 -35.16 -7.47
CA CYS A 53 7.29 -35.47 -7.69
C CYS A 53 6.75 -34.87 -8.98
N ALA A 54 7.51 -33.98 -9.61
CA ALA A 54 7.19 -33.56 -10.96
C ALA A 54 7.37 -34.74 -11.91
N ALA A 55 8.32 -35.60 -11.58
CA ALA A 55 8.58 -36.82 -12.35
C ALA A 55 7.70 -37.96 -11.85
N GLU A 56 7.84 -38.27 -10.56
CA GLU A 56 7.08 -39.34 -9.92
C GLU A 56 5.96 -38.76 -9.06
N GLU A 57 4.82 -38.49 -9.69
CA GLU A 57 3.70 -37.84 -9.00
C GLU A 57 3.09 -38.72 -7.92
N SER A 58 3.46 -40.00 -7.90
CA SER A 58 2.89 -40.95 -6.95
C SER A 58 3.83 -41.23 -5.79
N GLY A 59 4.93 -40.49 -5.71
CA GLY A 59 5.79 -40.55 -4.54
C GLY A 59 4.98 -40.06 -3.35
N ALA A 60 5.22 -40.66 -2.19
CA ALA A 60 4.45 -40.32 -0.99
C ALA A 60 4.52 -38.82 -0.69
N ASN A 61 3.46 -38.31 -0.07
CA ASN A 61 3.35 -36.91 0.37
C ASN A 61 3.17 -35.90 -0.77
N CYS A 62 3.36 -36.34 -2.02
CA CYS A 62 3.12 -35.47 -3.17
C CYS A 62 1.62 -35.39 -3.45
N ASP A 63 0.87 -36.28 -2.83
CA ASP A 63 -0.57 -36.33 -2.94
C ASP A 63 -1.20 -35.12 -2.25
N LYS A 64 -0.53 -34.62 -1.22
CA LYS A 64 -1.13 -33.67 -0.28
C LYS A 64 -1.42 -32.32 -0.92
N SER A 65 -2.18 -31.49 -0.21
CA SER A 65 -2.37 -30.10 -0.61
C SER A 65 -1.14 -29.29 -0.23
N LEU A 66 -0.99 -28.12 -0.81
CA LEU A 66 0.19 -27.28 -0.58
C LEU A 66 0.28 -26.83 0.87
N HIS A 67 -0.85 -26.40 1.43
CA HIS A 67 -0.90 -25.95 2.82
C HIS A 67 -0.59 -27.09 3.79
N THR A 68 -1.08 -28.29 3.49
CA THR A 68 -0.83 -29.46 4.33
C THR A 68 0.66 -29.67 4.52
N LEU A 69 1.38 -29.74 3.41
CA LEU A 69 2.83 -29.85 3.44
C LEU A 69 3.45 -28.63 4.11
N PHE A 70 3.28 -27.48 3.47
CA PHE A 70 3.88 -26.22 3.89
C PHE A 70 3.76 -25.97 5.40
N GLY A 71 2.59 -26.25 5.95
CA GLY A 71 2.35 -26.05 7.37
C GLY A 71 3.20 -26.98 8.24
N ASP A 72 3.20 -28.26 7.90
CA ASP A 72 3.97 -29.25 8.65
C ASP A 72 5.46 -28.96 8.51
N LYS A 73 5.87 -28.56 7.31
CA LYS A 73 7.27 -28.26 7.05
C LYS A 73 7.68 -26.97 7.78
N LEU A 74 6.74 -26.04 7.93
CA LEU A 74 6.95 -24.90 8.80
C LEU A 74 7.14 -25.39 10.24
N CYS A 75 6.22 -26.23 10.69
CA CYS A 75 6.22 -26.71 12.07
C CYS A 75 7.45 -27.53 12.42
N THR A 76 8.23 -27.93 11.42
CA THR A 76 9.49 -28.61 11.67
C THR A 76 10.52 -27.61 12.20
N VAL A 77 10.40 -26.36 11.77
CA VAL A 77 11.30 -25.30 12.21
C VAL A 77 11.17 -25.05 13.71
N ALA A 78 12.28 -25.18 14.42
CA ALA A 78 12.31 -24.94 15.86
C ALA A 78 11.89 -23.51 16.18
N ALA A 88 4.60 -21.76 18.70
CA ALA A 88 4.33 -23.01 18.01
C ALA A 88 2.93 -23.53 18.34
N ASP A 89 2.14 -22.71 19.02
CA ASP A 89 0.73 -23.04 19.28
C ASP A 89 -0.02 -23.12 17.96
N CYS A 90 0.49 -22.38 16.97
CA CYS A 90 -0.12 -22.35 15.65
C CYS A 90 -0.03 -23.71 14.96
N CYS A 91 1.00 -24.49 15.31
CA CYS A 91 1.27 -25.74 14.63
C CYS A 91 0.37 -26.89 15.08
N GLU A 92 -0.31 -26.72 16.21
CA GLU A 92 -1.14 -27.78 16.76
C GLU A 92 -2.63 -27.59 16.43
N LYS A 93 -2.93 -26.58 15.61
CA LYS A 93 -4.28 -26.47 15.06
C LYS A 93 -4.46 -27.56 14.01
N GLN A 94 -3.48 -27.67 13.11
CA GLN A 94 -3.43 -28.71 12.08
C GLN A 94 -4.77 -28.82 11.35
N GLU A 95 -5.24 -27.67 10.92
CA GLU A 95 -6.44 -27.52 10.13
C GLU A 95 -6.22 -26.36 9.16
N PRO A 96 -7.18 -26.11 8.27
CA PRO A 96 -7.07 -24.81 7.59
C PRO A 96 -6.90 -23.58 8.49
N ASP A 97 -7.00 -23.76 9.81
CA ASP A 97 -6.74 -22.69 10.77
C ASP A 97 -5.25 -22.49 11.04
N ARG A 98 -4.43 -23.50 10.71
CA ARG A 98 -2.98 -23.37 10.75
C ARG A 98 -2.60 -22.02 10.22
N ASN A 99 -3.00 -21.80 8.97
CA ASN A 99 -2.70 -20.58 8.27
C ASN A 99 -3.20 -19.36 9.01
N GLU A 100 -4.50 -19.31 9.29
CA GLU A 100 -5.10 -18.19 10.00
C GLU A 100 -4.26 -17.79 11.21
N CYS A 101 -3.81 -18.78 11.98
CA CYS A 101 -2.87 -18.49 13.06
C CYS A 101 -1.55 -17.96 12.50
N PHE A 102 -0.98 -18.68 11.53
CA PHE A 102 0.28 -18.30 10.89
C PHE A 102 0.17 -16.97 10.16
N LEU A 103 -1.04 -16.55 9.85
CA LEU A 103 -1.29 -15.42 8.97
C LEU A 103 -1.57 -14.20 9.83
N ALA A 104 -2.30 -14.41 10.91
CA ALA A 104 -2.57 -13.36 11.88
C ALA A 104 -1.32 -13.03 12.69
N HIS A 105 -0.37 -13.97 12.71
CA HIS A 105 0.87 -13.79 13.46
C HIS A 105 1.99 -13.18 12.60
N LYS A 106 1.61 -12.65 11.43
CA LYS A 106 2.55 -11.94 10.58
C LYS A 106 2.81 -10.54 11.11
N ASP A 107 4.07 -10.25 11.40
CA ASP A 107 4.44 -8.99 12.02
C ASP A 107 4.76 -7.90 11.01
N ASP A 108 3.78 -7.04 10.75
CA ASP A 108 4.04 -5.78 10.07
C ASP A 108 4.69 -4.84 11.05
N ASN A 109 5.58 -4.00 10.55
CA ASN A 109 6.36 -3.12 11.40
C ASN A 109 7.10 -3.98 12.43
N PRO A 110 8.09 -4.77 11.95
CA PRO A 110 8.76 -5.77 12.79
C PRO A 110 10.13 -5.35 13.30
N GLY A 111 10.59 -4.15 12.95
CA GLY A 111 11.95 -3.72 13.28
C GLY A 111 12.90 -3.88 12.12
N PHE A 112 13.98 -4.64 12.32
CA PHE A 112 14.97 -4.87 11.28
C PHE A 112 15.54 -3.54 10.77
N PRO A 113 16.90 -3.37 10.95
CA PRO A 113 17.42 -2.09 10.43
C PRO A 113 17.04 -1.85 8.98
N ASP A 121 34.61 -3.06 -5.69
CA ASP A 121 33.40 -3.86 -5.83
C ASP A 121 33.41 -5.05 -4.89
N ALA A 122 32.62 -4.94 -3.83
CA ALA A 122 32.57 -5.96 -2.79
C ALA A 122 31.30 -6.78 -2.88
N LEU A 123 30.15 -6.11 -3.03
CA LEU A 123 28.89 -6.81 -3.21
C LEU A 123 28.88 -7.57 -4.53
N CYS A 124 29.25 -6.87 -5.59
CA CYS A 124 29.29 -7.46 -6.92
C CYS A 124 30.21 -8.66 -6.96
N ALA A 125 31.26 -8.63 -6.15
CA ALA A 125 32.19 -9.73 -6.09
C ALA A 125 31.42 -11.01 -5.80
N ALA A 126 30.36 -10.90 -5.01
CA ALA A 126 29.54 -12.05 -4.64
C ALA A 126 28.48 -12.36 -5.69
N PHE A 127 28.19 -11.39 -6.55
CA PHE A 127 27.21 -11.57 -7.61
C PHE A 127 27.65 -12.71 -8.54
N GLN A 128 28.87 -12.61 -9.05
CA GLN A 128 29.42 -13.65 -9.92
C GLN A 128 29.68 -14.93 -9.15
N ASP A 129 30.19 -14.81 -7.92
CA ASP A 129 30.54 -15.97 -7.11
C ASP A 129 29.34 -16.89 -6.89
N ASN A 130 28.26 -16.32 -6.36
CA ASN A 130 27.03 -17.09 -6.15
C ASN A 130 25.81 -16.19 -6.37
N GLU A 131 25.44 -16.04 -7.64
CA GLU A 131 24.35 -15.16 -8.06
C GLU A 131 23.02 -15.50 -7.40
N GLN A 132 22.58 -16.76 -7.55
CA GLN A 132 21.29 -17.18 -7.04
C GLN A 132 21.16 -16.88 -5.55
N LEU A 133 22.25 -17.06 -4.82
CA LEU A 133 22.28 -16.72 -3.40
C LEU A 133 22.11 -15.22 -3.21
N PHE A 134 22.86 -14.46 -4.00
CA PHE A 134 22.84 -13.00 -3.95
C PHE A 134 21.43 -12.46 -4.20
N LEU A 135 20.76 -12.99 -5.21
CA LEU A 135 19.39 -12.58 -5.50
C LEU A 135 18.42 -13.17 -4.49
N GLY A 136 18.75 -14.35 -3.94
CA GLY A 136 17.95 -14.96 -2.91
C GLY A 136 17.84 -14.09 -1.67
N LYS A 137 18.98 -13.61 -1.20
CA LYS A 137 19.00 -12.79 0.01
C LYS A 137 18.16 -11.54 -0.18
N TYR A 138 18.08 -11.03 -1.41
CA TYR A 138 17.25 -9.88 -1.70
C TYR A 138 15.80 -10.22 -1.37
N LEU A 139 15.32 -11.30 -1.97
CA LEU A 139 13.97 -11.80 -1.70
C LEU A 139 13.76 -11.96 -0.21
N TYR A 140 14.72 -12.58 0.48
CA TYR A 140 14.65 -12.73 1.92
C TYR A 140 14.43 -11.38 2.62
N GLU A 141 15.40 -10.47 2.44
CA GLU A 141 15.36 -9.16 3.07
C GLU A 141 14.06 -8.41 2.81
N ILE A 142 13.66 -8.32 1.54
CA ILE A 142 12.43 -7.62 1.20
C ILE A 142 11.22 -8.32 1.81
N ALA A 143 11.18 -9.63 1.70
CA ALA A 143 10.02 -10.40 2.13
C ALA A 143 9.79 -10.32 3.64
N ARG A 144 10.86 -10.44 4.42
CA ARG A 144 10.70 -10.42 5.87
C ARG A 144 10.24 -9.06 6.40
N ARG A 145 10.54 -8.00 5.67
CA ARG A 145 10.07 -6.66 6.04
C ARG A 145 8.61 -6.51 5.66
N HIS A 146 8.27 -7.01 4.48
CA HIS A 146 6.93 -6.90 3.92
C HIS A 146 6.32 -8.28 3.71
N PRO A 147 5.62 -8.80 4.74
CA PRO A 147 5.12 -10.17 4.69
C PRO A 147 3.85 -10.35 3.85
N TYR A 148 3.40 -9.28 3.22
CA TYR A 148 2.23 -9.32 2.35
C TYR A 148 2.58 -8.80 0.96
N PHE A 149 3.81 -9.06 0.54
CA PHE A 149 4.30 -8.59 -0.75
C PHE A 149 3.76 -9.43 -1.90
N TYR A 150 3.48 -8.77 -3.02
CA TYR A 150 3.09 -9.49 -4.24
C TYR A 150 4.33 -10.22 -4.75
N ALA A 151 4.45 -11.49 -4.38
CA ALA A 151 5.67 -12.26 -4.62
C ALA A 151 6.16 -12.23 -6.08
N PRO A 152 5.25 -12.50 -7.04
CA PRO A 152 5.63 -12.36 -8.46
C PRO A 152 6.33 -11.03 -8.73
N GLU A 153 5.72 -9.94 -8.25
CA GLU A 153 6.28 -8.60 -8.39
C GLU A 153 7.66 -8.53 -7.74
N LEU A 154 7.80 -9.22 -6.61
CA LEU A 154 9.07 -9.26 -5.90
C LEU A 154 10.13 -9.99 -6.73
N LEU A 155 9.72 -11.06 -7.40
CA LEU A 155 10.61 -11.77 -8.32
C LEU A 155 11.04 -10.83 -9.45
N TYR A 156 10.08 -10.11 -10.02
CA TYR A 156 10.40 -9.08 -11.01
C TYR A 156 11.44 -8.10 -10.45
N TYR A 157 11.21 -7.62 -9.24
CA TYR A 157 12.18 -6.73 -8.59
C TYR A 157 13.52 -7.42 -8.36
N ALA A 158 13.50 -8.73 -8.13
CA ALA A 158 14.73 -9.48 -8.00
C ALA A 158 15.51 -9.49 -9.31
N GLN A 159 14.84 -9.79 -10.42
CA GLN A 159 15.54 -9.79 -11.71
C GLN A 159 15.98 -8.37 -12.10
N GLN A 160 15.22 -7.37 -11.67
CA GLN A 160 15.70 -5.99 -11.82
C GLN A 160 17.02 -5.83 -11.05
N TYR A 161 16.98 -6.21 -9.77
CA TYR A 161 18.15 -6.18 -8.90
C TYR A 161 19.33 -6.90 -9.56
N LYS A 162 19.03 -7.99 -10.27
CA LYS A 162 20.04 -8.66 -11.08
C LYS A 162 20.55 -7.72 -12.16
N GLY A 163 19.63 -7.10 -12.88
CA GLY A 163 20.00 -6.17 -13.95
C GLY A 163 20.90 -5.02 -13.53
N VAL A 164 20.61 -4.43 -12.37
CA VAL A 164 21.38 -3.27 -11.88
C VAL A 164 22.89 -3.53 -11.93
N PHE A 165 23.35 -4.52 -11.17
CA PHE A 165 24.77 -4.80 -11.04
C PHE A 165 25.38 -5.19 -12.38
N ALA A 166 24.58 -5.82 -13.24
CA ALA A 166 25.04 -6.17 -14.58
C ALA A 166 25.34 -4.89 -15.34
N GLU A 167 24.41 -3.93 -15.26
CA GLU A 167 24.63 -2.63 -15.88
C GLU A 167 25.80 -1.90 -15.23
N CYS A 168 25.85 -1.87 -13.91
CA CYS A 168 26.75 -0.95 -13.21
C CYS A 168 28.03 -1.55 -12.61
N CYS A 169 28.00 -2.84 -12.30
CA CYS A 169 29.11 -3.46 -11.58
C CYS A 169 30.30 -3.66 -12.51
N GLN A 170 30.02 -3.69 -13.81
CA GLN A 170 31.06 -3.87 -14.83
C GLN A 170 31.30 -2.53 -15.49
N ALA A 171 31.62 -1.54 -14.66
CA ALA A 171 31.84 -0.17 -15.10
C ALA A 171 32.93 0.48 -14.24
N ALA A 172 33.46 1.60 -14.70
CA ALA A 172 34.51 2.30 -13.98
C ALA A 172 34.02 2.80 -12.62
N ASP A 173 33.00 3.65 -12.63
CA ASP A 173 32.41 4.18 -11.41
C ASP A 173 31.26 3.30 -10.95
N LYS A 174 31.27 2.91 -9.68
CA LYS A 174 30.29 1.98 -9.13
C LYS A 174 29.13 2.70 -8.43
N ALA A 175 29.44 3.47 -7.40
CA ALA A 175 28.42 4.09 -6.55
C ALA A 175 27.62 5.15 -7.31
N ALA A 176 28.19 5.63 -8.42
CA ALA A 176 27.53 6.65 -9.23
C ALA A 176 26.33 6.06 -9.99
N CYS A 177 26.54 4.92 -10.62
CA CYS A 177 25.49 4.25 -11.37
C CYS A 177 24.74 3.25 -10.50
N LEU A 178 25.28 2.99 -9.31
CA LEU A 178 24.67 2.05 -8.37
C LEU A 178 23.81 2.79 -7.35
N GLY A 179 24.28 3.95 -6.91
CA GLY A 179 23.56 4.75 -5.93
C GLY A 179 22.10 5.03 -6.23
N PRO A 180 21.83 5.81 -7.30
CA PRO A 180 20.47 6.26 -7.59
C PRO A 180 19.50 5.14 -7.97
N LYS A 181 19.99 4.14 -8.70
CA LYS A 181 19.16 3.08 -9.23
C LYS A 181 18.66 2.15 -8.12
N ILE A 182 19.51 1.87 -7.16
CA ILE A 182 19.13 1.07 -5.99
C ILE A 182 17.98 1.74 -5.25
N GLU A 183 18.13 3.03 -4.97
CA GLU A 183 17.10 3.81 -4.27
C GLU A 183 15.83 3.88 -5.11
N ALA A 184 15.99 4.19 -6.39
CA ALA A 184 14.86 4.30 -7.30
C ALA A 184 14.06 3.01 -7.34
N LEU A 185 14.76 1.88 -7.35
CA LEU A 185 14.11 0.57 -7.23
C LEU A 185 13.44 0.42 -5.86
N ARG A 186 14.20 0.75 -4.82
CA ARG A 186 13.75 0.61 -3.43
C ARG A 186 12.40 1.29 -3.18
N GLU A 187 12.29 2.55 -3.59
CA GLU A 187 11.03 3.29 -3.43
C GLU A 187 9.88 2.52 -4.07
N LYS A 188 10.14 1.98 -5.25
CA LYS A 188 9.13 1.25 -6.00
C LYS A 188 8.84 -0.11 -5.35
N VAL A 189 9.80 -0.66 -4.61
CA VAL A 189 9.50 -1.80 -3.75
C VAL A 189 8.52 -1.37 -2.65
N LEU A 190 8.88 -0.32 -1.92
CA LEU A 190 8.05 0.18 -0.82
C LEU A 190 6.59 0.43 -1.23
N LEU A 191 6.43 1.24 -2.27
CA LEU A 191 5.08 1.59 -2.75
C LEU A 191 4.30 0.34 -3.13
N SER A 192 4.96 -0.59 -3.83
CA SER A 192 4.34 -1.85 -4.22
C SER A 192 3.83 -2.60 -2.99
N SER A 193 4.69 -2.75 -1.99
CA SER A 193 4.30 -3.37 -0.73
C SER A 193 3.05 -2.72 -0.19
N ALA A 194 3.08 -1.40 -0.05
CA ALA A 194 1.94 -0.65 0.45
C ALA A 194 0.66 -0.98 -0.32
N LYS A 195 0.72 -0.88 -1.64
CA LYS A 195 -0.45 -1.12 -2.48
C LYS A 195 -1.01 -2.54 -2.33
N GLU A 196 -0.13 -3.54 -2.41
CA GLU A 196 -0.56 -4.91 -2.24
C GLU A 196 -1.20 -5.09 -0.86
N ARG A 197 -0.60 -4.44 0.14
CA ARG A 197 -1.16 -4.47 1.49
C ARG A 197 -2.58 -3.90 1.51
N PHE A 198 -2.79 -2.78 0.83
CA PHE A 198 -4.15 -2.25 0.69
C PHE A 198 -5.11 -3.28 0.05
N LYS A 199 -4.72 -3.80 -1.11
CA LYS A 199 -5.54 -4.79 -1.80
C LYS A 199 -5.95 -5.96 -0.88
N CYS A 200 -4.94 -6.59 -0.28
CA CYS A 200 -5.18 -7.73 0.58
C CYS A 200 -5.96 -7.34 1.83
N ALA A 201 -5.72 -6.13 2.33
CA ALA A 201 -6.48 -5.60 3.45
C ALA A 201 -7.96 -5.62 3.08
N SER A 202 -8.29 -5.08 1.92
CA SER A 202 -9.66 -5.14 1.42
C SER A 202 -10.16 -6.57 1.34
N LEU A 203 -9.36 -7.44 0.70
CA LEU A 203 -9.75 -8.83 0.51
C LEU A 203 -10.02 -9.59 1.81
N GLN A 204 -9.22 -9.33 2.84
CA GLN A 204 -9.31 -10.08 4.10
C GLN A 204 -10.22 -9.42 5.13
N LYS A 205 -9.98 -8.13 5.39
CA LYS A 205 -10.75 -7.42 6.42
C LYS A 205 -12.18 -7.13 5.98
N PHE A 206 -12.34 -6.72 4.72
CA PHE A 206 -13.61 -6.20 4.24
C PHE A 206 -14.40 -7.21 3.39
N GLY A 207 -13.69 -8.00 2.59
CA GLY A 207 -14.33 -9.09 1.85
C GLY A 207 -14.11 -9.02 0.35
N ASP A 208 -14.72 -9.98 -0.35
CA ASP A 208 -14.59 -10.09 -1.80
C ASP A 208 -15.14 -8.90 -2.55
N ARG A 209 -16.40 -8.57 -2.30
CA ARG A 209 -17.12 -7.61 -3.12
C ARG A 209 -16.47 -6.23 -3.11
N ALA A 210 -15.92 -5.84 -1.97
CA ALA A 210 -15.22 -4.56 -1.85
C ALA A 210 -14.11 -4.46 -2.90
N PHE A 211 -13.23 -5.46 -2.89
CA PHE A 211 -12.18 -5.58 -3.88
C PHE A 211 -12.78 -5.74 -5.28
N LYS A 212 -13.83 -6.53 -5.35
CA LYS A 212 -14.49 -6.88 -6.60
C LYS A 212 -15.36 -5.73 -7.08
N ALA A 213 -15.47 -4.69 -6.25
CA ALA A 213 -16.05 -3.42 -6.69
C ALA A 213 -14.94 -2.46 -7.09
N TRP A 214 -13.89 -2.41 -6.27
CA TRP A 214 -12.73 -1.55 -6.51
C TRP A 214 -12.09 -1.79 -7.87
N SER A 215 -11.76 -3.04 -8.15
CA SER A 215 -11.08 -3.40 -9.38
C SER A 215 -11.91 -3.04 -10.61
N VAL A 216 -13.23 -3.05 -10.46
CA VAL A 216 -14.11 -2.71 -11.57
C VAL A 216 -13.91 -1.25 -11.95
N ALA A 217 -14.03 -0.37 -10.97
CA ALA A 217 -13.82 1.06 -11.20
C ALA A 217 -12.42 1.29 -11.76
N ARG A 218 -11.42 0.70 -11.11
CA ARG A 218 -10.04 0.86 -11.56
C ARG A 218 -9.87 0.46 -13.03
N LEU A 219 -10.23 -0.77 -13.36
CA LEU A 219 -10.04 -1.29 -14.70
C LEU A 219 -11.04 -0.69 -15.68
N SER A 220 -12.16 -0.17 -15.16
CA SER A 220 -13.14 0.49 -16.01
C SER A 220 -12.57 1.80 -16.47
N GLN A 221 -11.91 2.50 -15.55
CA GLN A 221 -11.11 3.63 -15.97
C GLN A 221 -10.13 3.09 -16.99
N ARG A 222 -9.23 2.21 -16.56
CA ARG A 222 -8.12 1.74 -17.39
C ARG A 222 -8.54 1.27 -18.78
N PHE A 223 -9.62 0.49 -18.85
CA PHE A 223 -10.03 -0.15 -20.11
C PHE A 223 -11.46 0.19 -20.49
N PRO A 224 -11.64 1.28 -21.23
CA PRO A 224 -12.97 1.75 -21.61
C PRO A 224 -13.71 0.81 -22.56
N LYS A 225 -13.23 0.71 -23.80
CA LYS A 225 -13.92 -0.04 -24.85
C LYS A 225 -14.50 -1.36 -24.32
N ALA A 226 -13.77 -1.96 -23.39
CA ALA A 226 -14.11 -3.27 -22.86
C ALA A 226 -15.57 -3.37 -22.42
N ASP A 227 -16.20 -4.48 -22.78
CA ASP A 227 -17.53 -4.79 -22.30
C ASP A 227 -17.49 -4.94 -20.79
N PHE A 228 -18.64 -4.81 -20.14
CA PHE A 228 -18.71 -5.05 -18.71
C PHE A 228 -18.43 -6.53 -18.43
N ALA A 229 -18.81 -7.38 -19.36
CA ALA A 229 -18.61 -8.82 -19.24
C ALA A 229 -17.13 -9.18 -19.22
N GLU A 230 -16.41 -8.73 -20.24
CA GLU A 230 -14.96 -8.95 -20.34
C GLU A 230 -14.27 -8.50 -19.07
N ILE A 231 -14.50 -7.24 -18.69
CA ILE A 231 -13.96 -6.70 -17.46
C ILE A 231 -14.39 -7.55 -16.27
N SER A 232 -15.64 -7.99 -16.27
CA SER A 232 -16.14 -8.83 -15.17
C SER A 232 -15.27 -10.08 -15.03
N LYS A 233 -15.00 -10.75 -16.15
CA LYS A 233 -14.09 -11.89 -16.11
C LYS A 233 -12.71 -11.50 -15.59
N VAL A 234 -12.11 -10.47 -16.20
CA VAL A 234 -10.79 -10.01 -15.80
C VAL A 234 -10.73 -9.76 -14.29
N VAL A 235 -11.78 -9.14 -13.77
CA VAL A 235 -11.86 -8.80 -12.35
C VAL A 235 -12.01 -10.06 -11.51
N THR A 236 -12.86 -10.98 -11.96
CA THR A 236 -13.01 -12.26 -11.27
C THR A 236 -11.65 -12.94 -11.13
N ASP A 237 -10.94 -13.04 -12.24
CA ASP A 237 -9.61 -13.67 -12.25
C ASP A 237 -8.64 -12.94 -11.31
N LEU A 238 -8.48 -11.64 -11.52
CA LEU A 238 -7.59 -10.83 -10.69
C LEU A 238 -7.92 -11.03 -9.21
N THR A 239 -9.21 -10.99 -8.90
CA THR A 239 -9.69 -11.24 -7.56
C THR A 239 -9.14 -12.56 -7.07
N LYS A 240 -9.37 -13.62 -7.83
CA LYS A 240 -8.81 -14.93 -7.48
C LYS A 240 -7.31 -14.85 -7.16
N VAL A 241 -6.54 -14.32 -8.12
CA VAL A 241 -5.09 -14.19 -7.98
C VAL A 241 -4.68 -13.54 -6.66
N HIS A 242 -5.20 -12.34 -6.40
CA HIS A 242 -4.82 -11.63 -5.18
C HIS A 242 -5.35 -12.33 -3.93
N LYS A 243 -6.57 -12.86 -4.04
CA LYS A 243 -7.20 -13.60 -2.96
C LYS A 243 -6.27 -14.68 -2.45
N GLU A 244 -5.81 -15.55 -3.35
CA GLU A 244 -4.91 -16.62 -2.95
C GLU A 244 -3.52 -16.08 -2.63
N CYS A 245 -3.07 -15.10 -3.42
CA CYS A 245 -1.74 -14.52 -3.25
C CYS A 245 -1.52 -13.99 -1.83
N CYS A 246 -2.50 -13.28 -1.29
CA CYS A 246 -2.36 -12.66 0.03
C CYS A 246 -2.82 -13.55 1.17
N HIS A 247 -3.24 -14.77 0.85
CA HIS A 247 -3.59 -15.77 1.86
C HIS A 247 -2.41 -16.70 2.11
N GLY A 248 -1.34 -16.50 1.36
CA GLY A 248 -0.14 -17.34 1.47
C GLY A 248 -0.04 -18.35 0.35
N ASP A 249 -1.08 -18.45 -0.46
CA ASP A 249 -1.06 -19.31 -1.64
C ASP A 249 -0.32 -18.62 -2.78
N LEU A 250 1.00 -18.60 -2.67
CA LEU A 250 1.85 -17.82 -3.55
C LEU A 250 2.08 -18.48 -4.92
N LEU A 251 2.27 -19.79 -4.91
CA LEU A 251 2.44 -20.55 -6.15
C LEU A 251 1.26 -20.32 -7.09
N GLU A 252 0.07 -20.59 -6.58
CA GLU A 252 -1.16 -20.43 -7.35
C GLU A 252 -1.31 -18.99 -7.83
N CYS A 253 -0.97 -18.04 -6.95
CA CYS A 253 -1.02 -16.63 -7.29
C CYS A 253 -0.17 -16.34 -8.51
N ALA A 254 1.11 -16.69 -8.43
CA ALA A 254 2.03 -16.48 -9.55
C ALA A 254 1.49 -17.13 -10.83
N ASP A 255 1.14 -18.40 -10.73
CA ASP A 255 0.65 -19.17 -11.87
C ASP A 255 -0.53 -18.49 -12.54
N ASP A 256 -1.57 -18.22 -11.74
CA ASP A 256 -2.78 -17.60 -12.23
C ASP A 256 -2.52 -16.20 -12.76
N ARG A 257 -1.58 -15.49 -12.15
CA ARG A 257 -1.14 -14.20 -12.68
C ARG A 257 -0.62 -14.36 -14.11
N ALA A 258 0.30 -15.29 -14.29
CA ALA A 258 0.83 -15.57 -15.64
C ALA A 258 -0.30 -15.90 -16.62
N ASP A 259 -1.16 -16.85 -16.23
CA ASP A 259 -2.32 -17.20 -17.04
C ASP A 259 -3.17 -15.97 -17.39
N LEU A 260 -3.37 -15.12 -16.40
CA LEU A 260 -4.16 -13.91 -16.57
C LEU A 260 -3.52 -12.99 -17.61
N ALA A 261 -2.23 -12.76 -17.49
CA ALA A 261 -1.52 -11.92 -18.47
C ALA A 261 -1.63 -12.51 -19.87
N LYS A 262 -1.46 -13.83 -19.98
CA LYS A 262 -1.68 -14.54 -21.23
C LYS A 262 -3.05 -14.17 -21.82
N TYR A 263 -4.10 -14.45 -21.06
CA TYR A 263 -5.47 -14.15 -21.50
C TYR A 263 -5.64 -12.68 -21.87
N MET A 264 -5.05 -11.80 -21.06
CA MET A 264 -5.20 -10.36 -21.27
C MET A 264 -4.59 -9.95 -22.61
N CYS A 265 -3.36 -10.40 -22.83
CA CYS A 265 -2.64 -10.05 -24.05
C CYS A 265 -3.29 -10.65 -25.29
N GLU A 266 -3.81 -11.88 -25.17
CA GLU A 266 -4.52 -12.50 -26.30
C GLU A 266 -5.65 -11.62 -26.84
N ASN A 267 -6.65 -11.34 -26.00
CA ASN A 267 -7.83 -10.60 -26.42
C ASN A 267 -7.71 -9.10 -26.20
N GLN A 268 -6.51 -8.56 -26.39
CA GLN A 268 -6.27 -7.13 -26.17
C GLN A 268 -7.18 -6.26 -27.03
N ASP A 269 -7.40 -6.67 -28.27
CA ASP A 269 -8.26 -5.91 -29.17
C ASP A 269 -9.71 -5.88 -28.69
N SER A 270 -10.00 -6.69 -27.68
CA SER A 270 -11.33 -6.72 -27.08
C SER A 270 -11.38 -5.90 -25.79
N ILE A 271 -10.22 -5.42 -25.34
CA ILE A 271 -10.14 -4.66 -24.09
C ILE A 271 -9.48 -3.29 -24.30
N SER A 272 -8.25 -3.28 -24.80
CA SER A 272 -7.51 -2.03 -24.97
C SER A 272 -6.48 -2.09 -26.09
N THR A 273 -6.22 -0.94 -26.70
CA THR A 273 -5.29 -0.84 -27.82
C THR A 273 -3.84 -0.80 -27.36
N LYS A 274 -3.62 -0.27 -26.16
CA LYS A 274 -2.27 -0.03 -25.67
C LYS A 274 -1.58 -1.30 -25.14
N LEU A 275 -2.33 -2.38 -25.03
CA LEU A 275 -1.79 -3.61 -24.45
C LEU A 275 -0.81 -4.32 -25.36
N LYS A 276 -0.65 -3.84 -26.59
CA LYS A 276 0.24 -4.46 -27.56
C LYS A 276 1.70 -4.36 -27.13
N GLU A 277 2.07 -3.24 -26.53
CA GLU A 277 3.45 -2.99 -26.12
C GLU A 277 3.93 -4.01 -25.09
N CYS A 278 3.04 -4.38 -24.17
CA CYS A 278 3.41 -5.24 -23.05
C CYS A 278 3.64 -6.70 -23.44
N CYS A 279 2.78 -7.22 -24.32
CA CYS A 279 2.72 -8.66 -24.57
C CYS A 279 3.91 -9.20 -25.35
N ASP A 280 4.89 -8.34 -25.66
CA ASP A 280 6.10 -8.77 -26.36
C ASP A 280 7.21 -9.09 -25.35
N LYS A 281 6.94 -8.83 -24.09
CA LYS A 281 7.91 -9.08 -23.02
C LYS A 281 8.26 -10.57 -22.94
N PRO A 282 8.99 -10.94 -21.82
CA PRO A 282 9.30 -12.38 -21.76
C PRO A 282 8.34 -13.13 -20.85
N VAL A 283 8.20 -12.68 -19.62
CA VAL A 283 7.32 -13.32 -18.66
C VAL A 283 6.73 -12.31 -17.67
N LEU A 284 7.35 -12.22 -16.50
CA LEU A 284 6.89 -11.30 -15.47
C LEU A 284 6.78 -9.86 -15.96
N GLU A 285 7.43 -9.56 -17.08
CA GLU A 285 7.52 -8.19 -17.57
C GLU A 285 6.19 -7.66 -18.07
N LYS A 286 5.47 -8.46 -18.86
CA LYS A 286 4.16 -8.04 -19.34
C LYS A 286 3.20 -7.92 -18.17
N SER A 287 3.31 -8.85 -17.21
CA SER A 287 2.51 -8.82 -16.01
C SER A 287 2.69 -7.51 -15.25
N GLN A 288 3.83 -6.86 -15.46
CA GLN A 288 4.12 -5.57 -14.82
C GLN A 288 3.66 -4.42 -15.69
N CYS A 289 4.06 -4.47 -16.96
CA CYS A 289 3.65 -3.46 -17.91
C CYS A 289 2.13 -3.33 -17.82
N LEU A 290 1.42 -4.41 -18.16
CA LEU A 290 -0.04 -4.45 -18.08
C LEU A 290 -0.58 -3.76 -16.83
N ALA A 291 0.03 -4.08 -15.70
CA ALA A 291 -0.36 -3.49 -14.43
C ALA A 291 -0.11 -1.99 -14.43
N GLU A 292 0.96 -1.57 -15.10
CA GLU A 292 1.28 -0.14 -15.18
C GLU A 292 0.99 0.49 -16.56
N VAL A 293 0.26 -0.21 -17.43
CA VAL A 293 -0.25 0.41 -18.66
C VAL A 293 -1.27 1.46 -18.25
N GLU A 294 -1.47 2.46 -19.10
CA GLU A 294 -2.43 3.52 -18.83
C GLU A 294 -3.73 3.28 -19.59
N ARG A 295 -4.55 4.31 -19.69
CA ARG A 295 -5.91 4.19 -20.16
C ARG A 295 -6.07 4.38 -21.67
N ASP A 296 -6.82 3.49 -22.31
CA ASP A 296 -7.13 3.61 -23.73
C ASP A 296 -8.12 4.76 -23.95
N GLU A 297 -8.20 5.27 -25.17
CA GLU A 297 -9.08 6.40 -25.47
C GLU A 297 -10.57 6.04 -25.26
N LEU A 298 -11.25 6.81 -24.41
CA LEU A 298 -12.70 6.68 -24.26
C LEU A 298 -13.42 6.84 -25.59
N PRO A 299 -14.30 5.90 -25.94
CA PRO A 299 -15.05 6.06 -27.18
C PRO A 299 -16.43 6.70 -26.95
N GLY A 300 -16.65 7.88 -27.50
CA GLY A 300 -17.91 8.58 -27.30
C GLY A 300 -18.36 9.43 -28.47
N ASP A 301 -19.55 9.14 -28.99
CA ASP A 301 -20.37 8.04 -28.49
C ASP A 301 -20.74 8.22 -27.02
N LEU A 302 -21.29 7.17 -26.42
CA LEU A 302 -21.68 7.19 -25.02
C LEU A 302 -23.01 7.92 -24.81
N PRO A 303 -24.08 7.12 -24.43
CA PRO A 303 -25.34 7.87 -24.22
C PRO A 303 -25.21 8.84 -23.06
N SER A 304 -26.34 9.30 -22.52
CA SER A 304 -26.33 10.24 -21.41
C SER A 304 -25.86 9.63 -20.10
N LEU A 305 -26.23 8.37 -19.86
CA LEU A 305 -26.11 7.68 -18.55
C LEU A 305 -27.31 8.03 -17.67
N ALA A 306 -28.02 9.10 -18.02
CA ALA A 306 -29.25 9.48 -17.37
C ALA A 306 -30.40 8.63 -17.92
N ALA A 307 -30.41 8.46 -19.23
CA ALA A 307 -31.47 7.74 -19.93
C ALA A 307 -31.83 6.42 -19.25
N ASP A 308 -30.84 5.73 -18.71
CA ASP A 308 -31.08 4.45 -18.06
C ASP A 308 -31.22 4.60 -16.55
N PHE A 309 -30.09 4.70 -15.88
CA PHE A 309 -29.98 4.57 -14.42
C PHE A 309 -30.59 5.72 -13.63
N VAL A 310 -31.20 6.67 -14.34
CA VAL A 310 -31.87 7.83 -13.73
C VAL A 310 -33.23 8.17 -14.37
N GLU A 311 -33.24 8.38 -15.68
CA GLU A 311 -34.46 8.77 -16.41
C GLU A 311 -35.50 7.65 -16.46
N ASP A 312 -35.05 6.41 -16.35
CA ASP A 312 -35.91 5.27 -16.64
C ASP A 312 -36.83 4.92 -15.49
N LYS A 313 -38.05 4.49 -15.84
CA LYS A 313 -39.06 4.10 -14.87
C LYS A 313 -38.81 2.70 -14.33
N GLU A 314 -37.97 1.94 -15.04
CA GLU A 314 -37.75 0.53 -14.73
C GLU A 314 -36.43 0.23 -14.01
N VAL A 315 -35.67 1.27 -13.66
CA VAL A 315 -34.37 1.08 -13.04
C VAL A 315 -34.40 0.12 -11.86
N CYS A 316 -35.46 0.23 -11.07
CA CYS A 316 -35.63 -0.57 -9.86
C CYS A 316 -36.06 -1.99 -10.22
N LYS A 317 -36.96 -2.11 -11.17
CA LYS A 317 -37.36 -3.43 -11.66
C LYS A 317 -36.13 -4.16 -12.15
N ASN A 318 -35.25 -3.40 -12.81
CA ASN A 318 -33.98 -3.95 -13.29
C ASN A 318 -32.97 -4.10 -12.17
N TYR A 319 -33.04 -3.23 -11.18
CA TYR A 319 -32.14 -3.28 -10.02
C TYR A 319 -32.39 -4.51 -9.16
N GLN A 320 -33.66 -4.77 -8.86
CA GLN A 320 -34.01 -5.86 -7.95
C GLN A 320 -33.69 -7.23 -8.57
N GLU A 321 -33.85 -7.33 -9.88
CA GLU A 321 -33.56 -8.58 -10.60
C GLU A 321 -32.12 -9.02 -10.34
N ALA A 322 -31.19 -8.07 -10.43
CA ALA A 322 -29.78 -8.34 -10.20
C ALA A 322 -29.10 -7.09 -9.64
N LYS A 323 -29.01 -7.00 -8.32
CA LYS A 323 -28.48 -5.82 -7.66
C LYS A 323 -27.01 -5.59 -8.00
N ASP A 324 -26.17 -6.56 -7.67
CA ASP A 324 -24.72 -6.42 -7.82
C ASP A 324 -24.31 -6.23 -9.28
N VAL A 325 -25.00 -6.90 -10.20
CA VAL A 325 -24.73 -6.71 -11.61
C VAL A 325 -25.06 -5.28 -12.01
N PHE A 326 -26.24 -4.83 -11.62
CA PHE A 326 -26.72 -3.49 -11.92
C PHE A 326 -25.77 -2.42 -11.39
N LEU A 327 -25.46 -2.51 -10.09
CA LEU A 327 -24.55 -1.57 -9.46
C LEU A 327 -23.15 -1.67 -10.07
N GLY A 328 -22.72 -2.89 -10.37
CA GLY A 328 -21.44 -3.10 -11.03
C GLY A 328 -21.43 -2.44 -12.39
N THR A 329 -22.55 -2.54 -13.09
CA THR A 329 -22.67 -1.95 -14.42
C THR A 329 -22.66 -0.44 -14.30
N PHE A 330 -23.34 0.08 -13.29
CA PHE A 330 -23.32 1.51 -13.01
C PHE A 330 -21.90 1.96 -12.69
N LEU A 331 -21.19 1.16 -11.90
CA LEU A 331 -19.82 1.47 -11.52
C LEU A 331 -18.95 1.52 -12.77
N TYR A 332 -19.08 0.50 -13.62
CA TYR A 332 -18.39 0.48 -14.91
C TYR A 332 -18.69 1.73 -15.72
N GLU A 333 -19.95 1.89 -16.10
CA GLU A 333 -20.43 2.99 -16.91
C GLU A 333 -19.96 4.35 -16.39
N TYR A 334 -20.13 4.58 -15.10
CA TYR A 334 -19.75 5.85 -14.49
C TYR A 334 -18.24 6.00 -14.44
N ALA A 335 -17.54 4.91 -14.10
CA ALA A 335 -16.09 4.95 -13.93
C ALA A 335 -15.39 5.26 -15.23
N ARG A 336 -15.76 4.57 -16.31
CA ARG A 336 -15.05 4.80 -17.56
C ARG A 336 -15.26 6.24 -18.05
N ARG A 337 -16.47 6.78 -17.88
CA ARG A 337 -16.74 8.13 -18.36
C ARG A 337 -15.96 9.20 -17.61
N HIS A 338 -15.53 8.88 -16.39
CA HIS A 338 -14.81 9.83 -15.53
C HIS A 338 -13.44 9.30 -15.11
N PRO A 339 -12.42 9.49 -15.97
CA PRO A 339 -11.05 9.14 -15.59
C PRO A 339 -10.52 10.04 -14.48
N GLU A 340 -11.13 11.21 -14.31
CA GLU A 340 -10.61 12.20 -13.38
C GLU A 340 -11.04 11.93 -11.94
N TYR A 341 -11.97 10.99 -11.76
CA TYR A 341 -12.46 10.65 -10.43
C TYR A 341 -11.59 9.60 -9.76
N SER A 342 -11.38 9.76 -8.45
CA SER A 342 -10.66 8.77 -7.66
C SER A 342 -11.49 7.50 -7.54
N VAL A 343 -10.82 6.36 -7.47
CA VAL A 343 -11.51 5.07 -7.40
C VAL A 343 -12.40 4.99 -6.17
N SER A 344 -11.99 5.67 -5.10
CA SER A 344 -12.75 5.71 -3.86
C SER A 344 -14.05 6.49 -4.05
N LEU A 345 -13.92 7.65 -4.68
CA LEU A 345 -15.06 8.53 -4.94
C LEU A 345 -16.15 7.78 -5.69
N LEU A 346 -15.80 7.20 -6.83
CA LEU A 346 -16.74 6.45 -7.65
C LEU A 346 -17.46 5.39 -6.83
N LEU A 347 -16.73 4.72 -5.95
CA LEU A 347 -17.32 3.71 -5.07
C LEU A 347 -18.31 4.36 -4.12
N ARG A 348 -17.94 5.51 -3.56
CA ARG A 348 -18.88 6.26 -2.74
C ARG A 348 -20.12 6.67 -3.53
N LEU A 349 -19.94 7.05 -4.79
CA LEU A 349 -21.07 7.40 -5.66
C LEU A 349 -21.95 6.18 -5.90
N ALA A 350 -21.32 5.02 -6.10
CA ALA A 350 -22.05 3.77 -6.30
C ALA A 350 -22.82 3.42 -5.04
N LYS A 351 -22.20 3.60 -3.88
CA LYS A 351 -22.85 3.33 -2.61
C LYS A 351 -24.04 4.26 -2.42
N GLU A 352 -23.84 5.55 -2.69
CA GLU A 352 -24.92 6.53 -2.60
C GLU A 352 -26.07 6.13 -3.52
N TYR A 353 -25.73 5.82 -4.77
CA TYR A 353 -26.71 5.40 -5.75
C TYR A 353 -27.52 4.20 -5.24
N GLU A 354 -26.81 3.14 -4.86
CA GLU A 354 -27.43 1.94 -4.31
C GLU A 354 -28.36 2.27 -3.15
N ALA A 355 -27.81 2.92 -2.13
CA ALA A 355 -28.54 3.23 -0.91
C ALA A 355 -29.79 4.03 -1.20
N THR A 356 -29.68 4.99 -2.13
CA THR A 356 -30.85 5.75 -2.55
C THR A 356 -31.83 4.86 -3.32
N LEU A 357 -31.29 3.94 -4.11
CA LEU A 357 -32.13 3.04 -4.89
C LEU A 357 -32.83 2.04 -3.97
N GLU A 358 -32.23 1.76 -2.82
CA GLU A 358 -32.88 0.94 -1.80
C GLU A 358 -34.02 1.72 -1.14
N LYS A 359 -33.88 3.04 -1.11
CA LYS A 359 -34.89 3.90 -0.50
C LYS A 359 -35.89 4.38 -1.55
N CYS A 360 -35.42 5.14 -2.53
CA CYS A 360 -36.28 5.66 -3.59
C CYS A 360 -37.09 4.51 -4.15
N CYS A 361 -36.41 3.46 -4.62
CA CYS A 361 -37.07 2.29 -5.18
C CYS A 361 -38.30 1.90 -4.35
N ALA A 362 -38.08 1.06 -3.35
CA ALA A 362 -39.16 0.60 -2.49
C ALA A 362 -39.21 1.41 -1.19
N PRO A 366 -40.58 4.19 -7.97
CA PRO A 366 -40.86 5.62 -7.78
C PRO A 366 -39.76 6.50 -8.36
N PRO A 367 -39.83 6.78 -9.67
CA PRO A 367 -38.83 7.56 -10.42
C PRO A 367 -38.84 9.04 -10.11
N THR A 368 -39.63 9.45 -9.11
CA THR A 368 -39.72 10.85 -8.75
C THR A 368 -38.70 11.24 -7.68
N CYS A 369 -38.25 10.27 -6.90
CA CYS A 369 -37.29 10.53 -5.83
C CYS A 369 -35.85 10.42 -6.33
N TYR A 370 -35.53 9.32 -7.00
CA TYR A 370 -34.18 9.09 -7.51
C TYR A 370 -33.94 9.88 -8.81
N ALA A 371 -34.80 10.87 -9.07
CA ALA A 371 -34.49 11.87 -10.07
C ALA A 371 -33.61 12.92 -9.42
N LYS A 372 -33.47 12.80 -8.10
CA LYS A 372 -32.72 13.77 -7.30
C LYS A 372 -31.40 13.20 -6.79
N VAL A 373 -31.24 11.88 -6.88
CA VAL A 373 -30.00 11.24 -6.43
C VAL A 373 -28.83 11.69 -7.30
N LEU A 374 -29.15 12.05 -8.54
CA LEU A 374 -28.15 12.35 -9.55
C LEU A 374 -27.12 13.39 -9.11
N ASP A 375 -27.55 14.34 -8.28
CA ASP A 375 -26.68 15.43 -7.84
C ASP A 375 -26.32 15.36 -6.36
N GLU A 376 -26.86 14.37 -5.65
CA GLU A 376 -26.38 14.09 -4.29
C GLU A 376 -24.89 13.77 -4.37
N PHE A 377 -24.45 13.35 -5.55
CA PHE A 377 -23.04 13.16 -5.85
C PHE A 377 -22.21 14.44 -5.67
N LYS A 378 -22.73 15.55 -6.19
CA LYS A 378 -21.94 16.78 -6.37
C LYS A 378 -21.17 17.17 -5.11
N PRO A 379 -21.82 17.18 -3.94
CA PRO A 379 -21.04 17.33 -2.72
C PRO A 379 -19.90 16.32 -2.61
N LEU A 380 -20.23 15.03 -2.72
CA LEU A 380 -19.23 13.98 -2.59
C LEU A 380 -18.11 14.12 -3.60
N VAL A 381 -18.42 14.68 -4.76
CA VAL A 381 -17.41 14.97 -5.77
C VAL A 381 -16.63 16.22 -5.38
N ASP A 382 -17.33 17.18 -4.78
CA ASP A 382 -16.75 18.49 -4.50
C ASP A 382 -15.79 18.50 -3.31
N GLU A 383 -16.12 17.76 -2.26
CA GLU A 383 -15.29 17.77 -1.05
C GLU A 383 -13.84 17.34 -1.34
N PRO A 384 -13.64 16.15 -1.94
CA PRO A 384 -12.29 15.74 -2.33
C PRO A 384 -11.59 16.78 -3.22
N GLN A 385 -12.23 17.19 -4.30
CA GLN A 385 -11.67 18.18 -5.22
C GLN A 385 -11.10 19.38 -4.48
N ASN A 386 -11.93 19.99 -3.64
CA ASN A 386 -11.52 21.10 -2.78
C ASN A 386 -10.34 20.72 -1.92
N LEU A 387 -10.44 19.57 -1.24
CA LEU A 387 -9.34 19.08 -0.40
C LEU A 387 -8.02 19.05 -1.17
N VAL A 388 -8.03 18.39 -2.32
CA VAL A 388 -6.82 18.22 -3.10
C VAL A 388 -6.27 19.56 -3.57
N LYS A 389 -7.13 20.41 -4.15
CA LYS A 389 -6.65 21.71 -4.63
C LYS A 389 -6.07 22.53 -3.49
N THR A 390 -6.76 22.55 -2.35
CA THR A 390 -6.30 23.37 -1.22
C THR A 390 -4.98 22.85 -0.66
N ASN A 391 -4.89 21.55 -0.45
CA ASN A 391 -3.66 20.95 0.07
C ASN A 391 -2.51 21.07 -0.91
N CYS A 392 -2.83 21.04 -2.20
CA CYS A 392 -1.80 21.27 -3.23
C CYS A 392 -1.36 22.73 -3.21
N GLU A 393 -2.32 23.64 -3.10
CA GLU A 393 -2.01 25.06 -2.94
C GLU A 393 -1.04 25.24 -1.79
N LEU A 394 -1.39 24.64 -0.65
CA LEU A 394 -0.52 24.66 0.52
C LEU A 394 0.83 24.01 0.23
N PHE A 395 0.80 22.90 -0.50
CA PHE A 395 2.02 22.18 -0.86
C PHE A 395 3.00 23.08 -1.63
N GLU A 396 2.46 23.81 -2.61
CA GLU A 396 3.28 24.76 -3.37
C GLU A 396 3.92 25.83 -2.49
N LYS A 397 3.40 25.99 -1.27
CA LYS A 397 3.84 27.05 -0.38
C LYS A 397 5.06 26.65 0.45
N LEU A 398 4.97 25.49 1.08
CA LEU A 398 5.99 25.03 2.01
C LEU A 398 6.87 23.95 1.42
N GLY A 399 6.38 23.25 0.41
CA GLY A 399 7.10 22.11 -0.14
C GLY A 399 6.80 20.85 0.66
N GLU A 400 7.42 19.75 0.26
CA GLU A 400 7.20 18.46 0.90
C GLU A 400 7.32 18.57 2.42
N TYR A 401 8.50 18.91 2.91
CA TYR A 401 8.77 18.96 4.35
C TYR A 401 7.69 19.69 5.15
N GLY A 402 7.46 20.96 4.82
CA GLY A 402 6.45 21.73 5.51
C GLY A 402 5.06 21.14 5.35
N PHE A 403 4.79 20.58 4.17
CA PHE A 403 3.53 19.87 3.95
C PHE A 403 3.40 18.70 4.94
N GLN A 404 4.50 17.95 5.10
CA GLN A 404 4.53 16.85 6.05
C GLN A 404 4.27 17.36 7.45
N ASN A 405 4.95 18.44 7.82
CA ASN A 405 4.76 19.04 9.14
C ASN A 405 3.32 19.48 9.37
N ALA A 406 2.73 20.13 8.38
CA ALA A 406 1.32 20.52 8.47
C ALA A 406 0.45 19.29 8.72
N LEU A 407 0.59 18.29 7.86
CA LEU A 407 -0.14 17.03 8.00
C LEU A 407 0.17 16.37 9.35
N LEU A 408 1.41 16.56 9.81
CA LEU A 408 1.87 15.96 11.05
C LEU A 408 1.08 16.54 12.21
N VAL A 409 1.12 17.86 12.32
CA VAL A 409 0.34 18.58 13.32
C VAL A 409 -1.12 18.15 13.25
N ARG A 410 -1.68 18.24 12.04
CA ARG A 410 -3.05 17.83 11.76
C ARG A 410 -3.40 16.47 12.37
N TYR A 411 -2.68 15.44 11.93
CA TYR A 411 -2.99 14.08 12.38
C TYR A 411 -2.59 13.82 13.82
N THR A 412 -1.69 14.63 14.36
CA THR A 412 -1.43 14.57 15.79
C THR A 412 -2.68 15.05 16.53
N LYS A 413 -3.26 16.16 16.07
CA LYS A 413 -4.51 16.64 16.64
C LYS A 413 -5.61 15.59 16.50
N LYS A 414 -5.73 15.02 15.31
CA LYS A 414 -6.75 14.01 15.05
C LYS A 414 -6.63 12.78 15.95
N ALA A 415 -5.44 12.19 15.96
CA ALA A 415 -5.22 10.93 16.68
C ALA A 415 -3.98 11.00 17.57
N PRO A 416 -4.08 11.75 18.68
CA PRO A 416 -2.95 11.98 19.59
C PRO A 416 -2.68 10.85 20.59
N GLN A 417 -3.48 9.79 20.55
CA GLN A 417 -3.21 8.62 21.39
C GLN A 417 -2.24 7.69 20.68
N VAL A 418 -2.18 7.83 19.36
CA VAL A 418 -1.40 6.93 18.51
C VAL A 418 0.09 7.09 18.77
N SER A 419 0.83 6.00 18.51
CA SER A 419 2.29 6.00 18.61
C SER A 419 2.90 7.17 17.83
N THR A 420 3.92 7.80 18.42
CA THR A 420 4.60 8.90 17.78
C THR A 420 5.24 8.47 16.45
N PRO A 421 6.20 7.53 16.49
CA PRO A 421 6.88 7.12 15.26
C PRO A 421 5.92 6.77 14.12
N THR A 422 4.80 6.14 14.46
CA THR A 422 3.73 5.90 13.50
C THR A 422 3.24 7.24 12.94
N LEU A 423 2.84 8.12 13.85
CA LEU A 423 2.33 9.44 13.49
C LEU A 423 3.34 10.24 12.66
N VAL A 424 4.62 9.97 12.85
CA VAL A 424 5.64 10.60 12.02
C VAL A 424 5.64 9.97 10.63
N GLU A 425 5.85 8.64 10.60
CA GLU A 425 5.93 7.89 9.35
C GLU A 425 4.76 8.19 8.41
N VAL A 426 3.54 7.96 8.90
CA VAL A 426 2.37 8.08 8.03
C VAL A 426 2.18 9.51 7.55
N SER A 427 2.63 10.47 8.37
CA SER A 427 2.51 11.88 7.99
C SER A 427 3.50 12.20 6.87
N ARG A 428 4.72 11.66 6.99
CA ARG A 428 5.68 11.79 5.90
C ARG A 428 5.10 11.16 4.62
N LYS A 429 4.61 9.94 4.75
CA LYS A 429 3.95 9.25 3.64
C LYS A 429 2.80 10.07 3.09
N LEU A 430 2.04 10.71 3.97
CA LEU A 430 0.93 11.56 3.57
C LEU A 430 1.45 12.74 2.74
N GLY A 431 2.50 13.39 3.24
CA GLY A 431 3.06 14.54 2.57
C GLY A 431 3.68 14.21 1.22
N LYS A 432 4.30 13.03 1.12
CA LYS A 432 4.93 12.61 -0.12
C LYS A 432 3.95 12.55 -1.30
N VAL A 433 2.68 12.32 -0.98
CA VAL A 433 1.61 12.29 -1.99
C VAL A 433 1.64 13.56 -2.82
N GLY A 434 1.91 14.68 -2.16
CA GLY A 434 2.02 15.96 -2.84
C GLY A 434 3.13 15.93 -3.87
N THR A 435 4.25 15.29 -3.54
CA THR A 435 5.36 15.22 -4.47
C THR A 435 5.01 14.28 -5.61
N LYS A 436 4.32 13.18 -5.30
CA LYS A 436 3.85 12.29 -6.37
C LYS A 436 2.91 13.00 -7.33
N CYS A 437 1.75 13.41 -6.81
CA CYS A 437 0.62 13.78 -7.64
C CYS A 437 -0.01 15.10 -7.23
N CYS A 438 0.76 16.17 -7.37
CA CYS A 438 0.23 17.51 -7.17
C CYS A 438 0.88 18.48 -8.16
N LYS A 439 2.04 18.12 -8.68
CA LYS A 439 2.69 18.87 -9.75
C LYS A 439 2.18 18.38 -11.11
N LYS A 440 1.30 17.40 -11.09
CA LYS A 440 0.68 16.88 -12.30
C LYS A 440 -0.25 17.92 -12.91
N PRO A 441 -0.74 17.65 -14.13
CA PRO A 441 -1.83 18.46 -14.67
C PRO A 441 -3.01 18.45 -13.71
N GLU A 442 -3.62 19.61 -13.47
CA GLU A 442 -4.69 19.72 -12.48
C GLU A 442 -5.74 18.63 -12.64
N SER A 443 -6.13 18.38 -13.89
CA SER A 443 -7.12 17.36 -14.22
C SER A 443 -6.77 15.99 -13.63
N GLU A 444 -5.47 15.76 -13.39
CA GLU A 444 -5.00 14.46 -12.91
C GLU A 444 -4.77 14.44 -11.40
N ARG A 445 -4.98 15.56 -10.72
CA ARG A 445 -4.60 15.66 -9.31
C ARG A 445 -5.45 14.81 -8.39
N MET A 446 -6.78 14.98 -8.44
CA MET A 446 -7.66 14.31 -7.49
C MET A 446 -7.63 12.79 -7.64
N SER A 447 -7.52 12.32 -8.87
CA SER A 447 -7.50 10.89 -9.14
C SER A 447 -6.39 10.19 -8.37
N CYS A 448 -5.17 10.68 -8.54
CA CYS A 448 -4.00 10.12 -7.86
C CYS A 448 -4.05 10.34 -6.36
N ALA A 449 -4.00 11.62 -5.97
CA ALA A 449 -3.91 12.04 -4.57
C ALA A 449 -4.60 11.17 -3.53
N GLU A 450 -5.84 10.79 -3.81
CA GLU A 450 -6.63 9.97 -2.91
C GLU A 450 -6.45 8.45 -3.11
N ASP A 451 -5.98 8.09 -4.29
CA ASP A 451 -5.76 6.68 -4.62
C ASP A 451 -4.61 6.25 -3.72
N PHE A 452 -3.63 7.13 -3.56
CA PHE A 452 -2.48 6.85 -2.70
C PHE A 452 -2.85 7.08 -1.24
N LEU A 453 -3.64 8.12 -0.99
CA LEU A 453 -4.17 8.37 0.35
C LEU A 453 -4.85 7.11 0.88
N SER A 454 -5.58 6.43 0.01
CA SER A 454 -6.22 5.16 0.36
C SER A 454 -5.17 4.13 0.77
N VAL A 455 -3.97 4.24 0.23
CA VAL A 455 -2.88 3.32 0.54
C VAL A 455 -2.17 3.73 1.83
N VAL A 456 -1.85 5.01 1.94
CA VAL A 456 -1.16 5.54 3.11
C VAL A 456 -2.01 5.36 4.36
N LEU A 457 -3.29 5.69 4.24
CA LEU A 457 -4.21 5.60 5.37
C LEU A 457 -4.31 4.18 5.91
N ASN A 458 -4.47 3.21 5.01
CA ASN A 458 -4.51 1.80 5.39
C ASN A 458 -3.40 1.49 6.38
N ARG A 459 -2.18 1.83 6.01
CA ARG A 459 -1.02 1.60 6.86
C ARG A 459 -1.17 2.25 8.23
N LEU A 460 -1.88 3.38 8.30
CA LEU A 460 -2.06 4.03 9.60
C LEU A 460 -2.85 3.11 10.49
N CYS A 461 -3.75 2.34 9.89
CA CYS A 461 -4.68 1.52 10.64
C CYS A 461 -4.13 0.12 10.84
N VAL A 462 -3.53 -0.43 9.79
CA VAL A 462 -2.84 -1.70 9.88
C VAL A 462 -1.82 -1.65 11.02
N LEU A 463 -1.14 -0.52 11.14
CA LEU A 463 -0.22 -0.30 12.26
C LEU A 463 -0.99 -0.10 13.55
N HIS A 464 -2.23 0.38 13.43
CA HIS A 464 -3.07 0.72 14.58
C HIS A 464 -3.86 -0.49 15.09
N GLU A 465 -3.99 -1.51 14.26
CA GLU A 465 -4.80 -2.67 14.62
C GLU A 465 -4.16 -3.51 15.73
N LYS A 466 -2.89 -3.85 15.57
CA LYS A 466 -2.18 -4.64 16.56
C LYS A 466 -2.13 -3.90 17.90
N THR A 467 -1.85 -2.60 17.84
CA THR A 467 -1.83 -1.75 19.02
C THR A 467 -2.78 -0.58 18.84
N PRO A 468 -4.07 -0.78 19.18
CA PRO A 468 -5.09 0.26 19.03
C PRO A 468 -5.24 1.12 20.28
N VAL A 469 -5.45 2.42 20.10
CA VAL A 469 -5.52 3.36 21.21
C VAL A 469 -6.49 4.52 20.95
N SER A 470 -7.12 4.53 19.78
CA SER A 470 -8.08 5.58 19.43
C SER A 470 -9.36 4.98 18.86
N GLU A 471 -10.48 5.28 19.50
CA GLU A 471 -11.78 4.83 19.02
C GLU A 471 -12.06 5.35 17.62
N ARG A 472 -11.73 6.61 17.40
CA ARG A 472 -12.10 7.31 16.18
C ARG A 472 -11.33 6.77 14.97
N VAL A 473 -10.06 6.47 15.19
CA VAL A 473 -9.21 5.94 14.14
C VAL A 473 -9.70 4.55 13.71
N THR A 474 -9.77 3.63 14.66
CA THR A 474 -10.18 2.26 14.35
C THR A 474 -11.60 2.27 13.80
N LYS A 475 -12.49 3.06 14.40
CA LYS A 475 -13.83 3.25 13.87
C LYS A 475 -13.74 3.62 12.41
N CYS A 476 -13.18 4.80 12.16
CA CYS A 476 -13.00 5.34 10.82
C CYS A 476 -12.52 4.29 9.81
N CYS A 477 -11.50 3.53 10.21
CA CYS A 477 -10.92 2.54 9.32
C CYS A 477 -11.65 1.20 9.31
N SER A 478 -12.49 0.97 10.31
CA SER A 478 -13.25 -0.29 10.39
C SER A 478 -14.64 -0.18 9.76
N GLU A 479 -15.24 1.00 9.81
CA GLU A 479 -16.61 1.16 9.31
C GLU A 479 -16.73 0.84 7.83
N SER A 480 -15.99 1.57 7.00
CA SER A 480 -16.12 1.46 5.55
C SER A 480 -14.79 1.55 4.84
N LEU A 481 -14.57 0.66 3.88
CA LEU A 481 -13.35 0.66 3.08
C LEU A 481 -13.26 1.94 2.25
N VAL A 482 -14.43 2.44 1.84
CA VAL A 482 -14.49 3.56 0.90
C VAL A 482 -14.46 4.92 1.61
N ASN A 483 -15.12 5.02 2.76
CA ASN A 483 -15.23 6.28 3.47
C ASN A 483 -14.08 6.56 4.44
N ARG A 484 -12.90 6.02 4.14
CA ARG A 484 -11.76 6.19 5.04
C ARG A 484 -11.26 7.63 5.04
N ARG A 485 -10.90 8.16 3.88
CA ARG A 485 -10.43 9.55 3.80
C ARG A 485 -11.47 10.53 4.34
N PRO A 486 -12.73 10.43 3.88
CA PRO A 486 -13.80 11.27 4.41
C PRO A 486 -13.81 11.39 5.94
N CYS A 487 -13.66 10.26 6.62
CA CYS A 487 -13.61 10.23 8.07
C CYS A 487 -12.32 10.82 8.60
N PHE A 488 -11.24 10.66 7.84
CA PHE A 488 -9.93 11.11 8.25
C PHE A 488 -9.69 12.60 8.07
N SER A 489 -10.48 13.26 7.25
CA SER A 489 -10.22 14.65 6.96
C SER A 489 -11.14 15.53 7.74
N GLY A 490 -12.34 15.01 7.97
CA GLY A 490 -13.34 15.70 8.74
C GLY A 490 -13.22 15.40 10.22
N LEU A 491 -12.22 14.60 10.58
CA LEU A 491 -11.99 14.27 11.98
C LEU A 491 -11.46 15.48 12.72
N GLU A 492 -12.28 16.04 13.60
CA GLU A 492 -11.95 17.27 14.31
C GLU A 492 -10.83 17.06 15.32
N VAL A 493 -10.48 18.14 16.01
CA VAL A 493 -9.49 18.09 17.08
C VAL A 493 -10.08 17.30 18.25
N ASP A 494 -9.26 16.44 18.85
CA ASP A 494 -9.72 15.52 19.88
C ASP A 494 -9.54 16.13 21.28
N GLU A 495 -10.65 16.53 21.89
CA GLU A 495 -10.61 17.16 23.21
C GLU A 495 -10.74 16.14 24.34
N THR A 496 -11.22 14.94 24.01
CA THR A 496 -11.27 13.86 24.99
C THR A 496 -9.86 13.55 25.48
N TYR A 497 -8.88 13.85 24.64
CA TYR A 497 -7.48 13.56 24.94
C TYR A 497 -6.98 14.35 26.14
N VAL A 498 -6.39 13.64 27.09
CA VAL A 498 -5.78 14.25 28.27
C VAL A 498 -4.30 14.44 28.00
N PRO A 499 -3.88 15.70 27.74
CA PRO A 499 -2.46 15.89 27.39
C PRO A 499 -1.53 15.68 28.57
N LYS A 500 -0.37 15.11 28.29
CA LYS A 500 0.62 14.78 29.31
C LYS A 500 1.58 15.94 29.53
N GLU A 501 2.14 16.03 30.73
CA GLU A 501 3.05 17.11 31.06
C GLU A 501 4.31 17.02 30.19
N PHE A 502 5.04 18.11 30.08
CA PHE A 502 6.27 18.10 29.31
C PHE A 502 7.30 17.23 30.02
N ASN A 503 7.74 16.18 29.34
CA ASN A 503 8.87 15.40 29.82
C ASN A 503 10.15 16.03 29.27
N ALA A 504 11.10 16.27 30.17
CA ALA A 504 12.34 16.93 29.79
C ALA A 504 13.16 16.03 28.86
N GLU A 505 12.87 14.73 28.86
CA GLU A 505 13.69 13.78 28.14
C GLU A 505 13.40 13.69 26.65
N THR A 506 12.19 14.04 26.23
CA THR A 506 11.89 14.13 24.80
C THR A 506 12.66 15.30 24.20
N PHE A 507 13.06 16.23 25.06
CA PHE A 507 13.82 17.41 24.65
C PHE A 507 15.25 17.34 25.13
N THR A 508 15.68 16.15 25.58
CA THR A 508 17.09 15.89 25.76
C THR A 508 17.70 15.66 24.39
N PHE A 509 18.86 16.25 24.16
CA PHE A 509 19.49 16.21 22.84
C PHE A 509 20.93 15.78 22.94
N HIS A 510 21.62 15.83 21.80
CA HIS A 510 22.96 15.28 21.65
C HIS A 510 23.74 16.13 20.67
N ALA A 511 25.07 16.13 20.80
CA ALA A 511 25.92 16.86 19.87
C ALA A 511 25.63 16.40 18.44
N ASP A 512 25.50 15.09 18.29
CA ASP A 512 25.32 14.46 16.98
C ASP A 512 24.27 15.17 16.16
N LEU A 513 23.26 15.73 16.84
CA LEU A 513 22.17 16.47 16.19
C LEU A 513 22.67 17.31 15.03
N CYS A 514 23.83 17.96 15.22
CA CYS A 514 24.35 18.83 14.16
C CYS A 514 25.34 18.09 13.26
N THR A 515 25.60 16.83 13.55
CA THR A 515 26.43 15.98 12.70
C THR A 515 25.56 15.14 11.77
N LEU A 516 24.30 14.95 12.15
CA LEU A 516 23.39 14.09 11.42
C LEU A 516 23.17 14.56 9.98
N PRO A 517 22.77 13.63 9.09
CA PRO A 517 22.33 14.05 7.76
C PRO A 517 20.96 14.68 7.84
N GLU A 518 20.70 15.72 7.05
CA GLU A 518 19.42 16.42 7.09
C GLU A 518 18.24 15.47 7.02
N ALA A 519 18.30 14.53 6.08
CA ALA A 519 17.21 13.58 5.83
C ALA A 519 16.72 12.91 7.13
N GLU A 520 17.66 12.46 7.95
CA GLU A 520 17.34 11.82 9.22
C GLU A 520 17.30 12.84 10.36
N LYS A 521 17.67 14.07 10.04
CA LYS A 521 17.58 15.18 10.99
C LYS A 521 16.13 15.67 11.06
N GLN A 522 15.48 15.67 9.90
CA GLN A 522 14.09 16.10 9.80
C GLN A 522 13.20 15.25 10.69
N VAL A 523 13.46 13.95 10.73
CA VAL A 523 12.73 13.04 11.59
C VAL A 523 12.93 13.50 13.04
N LYS A 524 14.18 13.75 13.40
CA LYS A 524 14.50 14.23 14.75
C LYS A 524 13.72 15.49 15.07
N LYS A 525 13.63 16.40 14.11
CA LYS A 525 12.83 17.61 14.29
C LYS A 525 11.34 17.28 14.47
N GLN A 526 10.84 16.36 13.65
CA GLN A 526 9.40 16.06 13.61
C GLN A 526 8.87 15.30 14.82
N THR A 527 9.61 14.27 15.26
CA THR A 527 9.23 13.48 16.42
C THR A 527 8.94 14.40 17.61
N ALA A 528 9.81 15.39 17.78
CA ALA A 528 9.66 16.37 18.85
C ALA A 528 8.36 17.17 18.68
N LEU A 529 8.06 17.53 17.44
CA LEU A 529 6.86 18.31 17.13
C LEU A 529 5.61 17.51 17.50
N VAL A 530 5.59 16.24 17.11
CA VAL A 530 4.52 15.33 17.54
C VAL A 530 4.44 15.37 19.06
N GLU A 531 5.55 15.02 19.70
CA GLU A 531 5.63 15.03 21.16
C GLU A 531 5.28 16.39 21.74
N LEU A 532 5.47 17.44 20.95
CA LEU A 532 5.15 18.79 21.41
C LEU A 532 3.64 18.97 21.44
N LEU A 533 2.98 18.57 20.36
CA LEU A 533 1.53 18.65 20.30
C LEU A 533 0.85 17.71 21.29
N LYS A 534 1.46 16.56 21.56
CA LYS A 534 0.92 15.69 22.60
C LYS A 534 0.83 16.39 23.96
N HIS A 535 1.62 17.44 24.16
CA HIS A 535 1.58 18.21 25.40
C HIS A 535 0.51 19.30 25.36
N LYS A 536 0.39 19.95 24.21
CA LYS A 536 -0.65 20.94 23.98
C LYS A 536 -1.23 20.77 22.58
N PRO A 537 -2.25 19.89 22.45
CA PRO A 537 -2.79 19.61 21.12
C PRO A 537 -3.53 20.81 20.54
N LYS A 538 -4.22 21.54 21.40
CA LYS A 538 -4.91 22.76 21.00
C LYS A 538 -3.95 23.94 20.99
N ALA A 539 -2.88 23.79 20.20
CA ALA A 539 -1.91 24.86 19.99
C ALA A 539 -2.21 25.58 18.68
N THR A 540 -1.65 26.77 18.53
CA THR A 540 -1.94 27.62 17.39
C THR A 540 -0.81 27.57 16.37
N ASP A 541 -1.10 28.05 15.17
CA ASP A 541 -0.09 28.21 14.11
C ASP A 541 1.12 28.97 14.65
N GLU A 542 0.90 30.25 14.94
CA GLU A 542 1.96 31.14 15.43
C GLU A 542 2.68 30.56 16.65
N GLN A 543 1.90 30.09 17.61
CA GLN A 543 2.43 29.54 18.86
C GLN A 543 3.45 28.44 18.58
N LEU A 544 3.15 27.59 17.61
CA LEU A 544 4.09 26.55 17.20
C LEU A 544 5.25 27.17 16.45
N LYS A 545 4.96 28.11 15.55
CA LYS A 545 6.03 28.79 14.81
C LYS A 545 7.09 29.35 15.75
N THR A 546 6.67 29.95 16.86
CA THR A 546 7.62 30.46 17.86
C THR A 546 8.60 29.38 18.30
N VAL A 547 8.07 28.24 18.74
CA VAL A 547 8.91 27.17 19.26
C VAL A 547 9.73 26.55 18.13
N MET A 548 9.20 26.58 16.91
CA MET A 548 9.94 26.12 15.75
C MET A 548 11.07 27.07 15.42
N GLY A 549 10.88 28.36 15.73
CA GLY A 549 11.95 29.33 15.61
C GLY A 549 12.97 29.18 16.71
N ASP A 550 12.49 28.97 17.93
CA ASP A 550 13.36 28.90 19.10
C ASP A 550 14.18 27.62 19.13
N PHE A 551 13.59 26.54 18.62
CA PHE A 551 14.31 25.28 18.47
C PHE A 551 15.48 25.48 17.52
N GLY A 552 15.19 26.09 16.38
CA GLY A 552 16.23 26.42 15.43
C GLY A 552 17.29 27.24 16.12
N ALA A 553 16.88 28.36 16.71
CA ALA A 553 17.81 29.22 17.44
C ALA A 553 18.71 28.43 18.37
N PHE A 554 18.09 27.51 19.11
CA PHE A 554 18.82 26.68 20.05
C PHE A 554 19.84 25.79 19.37
N VAL A 555 19.41 25.04 18.35
CA VAL A 555 20.36 24.15 17.71
C VAL A 555 21.48 24.94 17.01
N GLU A 556 21.15 26.05 16.35
CA GLU A 556 22.19 26.73 15.59
C GLU A 556 23.20 27.40 16.52
N LYS A 557 22.76 28.00 17.62
CA LYS A 557 23.75 28.64 18.50
C LYS A 557 24.68 27.62 19.16
N CYS A 558 24.12 26.48 19.53
CA CYS A 558 24.83 25.49 20.32
C CYS A 558 25.69 24.56 19.48
N CYS A 559 25.20 24.24 18.29
CA CYS A 559 25.96 23.37 17.39
C CYS A 559 27.11 24.13 16.73
N ALA A 560 26.92 25.42 16.49
CA ALA A 560 28.01 26.27 15.99
C ALA A 560 28.95 26.60 17.14
N ALA A 561 28.50 26.31 18.36
CA ALA A 561 29.23 26.65 19.57
C ALA A 561 30.51 25.82 19.75
N GLU A 562 30.90 25.12 18.69
CA GLU A 562 32.14 24.34 18.69
C GLU A 562 32.23 23.42 19.91
N ASN A 563 33.10 23.77 20.86
CA ASN A 563 33.27 22.98 22.07
C ASN A 563 31.91 22.61 22.67
N LYS A 564 31.10 21.90 21.88
CA LYS A 564 29.77 21.52 22.32
C LYS A 564 29.36 20.16 21.79
N GLU A 565 28.35 19.57 22.42
CA GLU A 565 27.70 20.22 23.54
C GLU A 565 27.51 19.26 24.71
N GLY A 566 27.90 19.69 25.92
CA GLY A 566 28.48 21.00 26.13
C GLY A 566 27.44 22.09 26.29
N CYS A 567 27.30 22.93 25.26
CA CYS A 567 26.32 24.02 25.29
C CYS A 567 24.91 23.51 25.57
N PHE A 568 24.63 22.29 25.10
CA PHE A 568 23.31 21.70 25.19
C PHE A 568 22.90 21.53 26.65
N SER A 569 23.88 21.57 27.55
CA SER A 569 23.58 21.49 28.98
C SER A 569 22.72 22.68 29.42
N GLU A 570 22.58 23.68 28.55
CA GLU A 570 21.63 24.76 28.78
C GLU A 570 20.29 24.41 28.12
N GLU A 571 20.09 23.12 27.90
CA GLU A 571 18.92 22.62 27.17
C GLU A 571 17.61 23.18 27.67
N GLY A 572 17.30 22.91 28.93
CA GLY A 572 16.05 23.35 29.50
C GLY A 572 15.99 24.86 29.73
N PRO A 573 16.85 25.36 30.63
CA PRO A 573 16.82 26.75 31.13
C PRO A 573 16.67 27.85 30.07
N LYS A 574 16.99 27.54 28.82
CA LYS A 574 16.89 28.52 27.73
C LYS A 574 15.76 28.19 26.75
N LEU A 575 15.68 26.93 26.32
CA LEU A 575 14.71 26.53 25.31
C LEU A 575 13.34 26.21 25.91
N VAL A 576 13.25 25.11 26.65
CA VAL A 576 11.95 24.66 27.19
C VAL A 576 11.40 25.73 28.11
N ALA A 577 12.31 26.38 28.84
CA ALA A 577 11.96 27.47 29.75
C ALA A 577 11.58 28.72 28.97
N ALA A 578 11.62 28.63 27.65
CA ALA A 578 11.10 29.67 26.77
C ALA A 578 9.93 29.10 25.97
N ALA A 579 9.96 27.80 25.73
CA ALA A 579 8.96 27.15 24.90
C ALA A 579 7.63 26.96 25.63
N GLN A 580 7.67 26.48 26.87
CA GLN A 580 6.44 26.22 27.61
C GLN A 580 5.65 27.51 27.81
N ALA A 581 6.35 28.64 27.84
CA ALA A 581 5.70 29.93 28.00
C ALA A 581 4.94 30.31 26.73
N ALA A 582 5.55 30.04 25.58
CA ALA A 582 4.92 30.33 24.30
C ALA A 582 3.65 29.51 24.11
N LEU A 583 3.63 28.33 24.74
CA LEU A 583 2.47 27.46 24.70
C LEU A 583 1.59 27.68 25.93
N VAL A 584 1.78 28.83 26.59
CA VAL A 584 1.04 29.22 27.80
C VAL A 584 0.67 28.01 28.68
#